data_8BX2
#
_entry.id   8BX2
#
_cell.length_a   163.169
_cell.length_b   163.169
_cell.length_c   39.792
_cell.angle_alpha   90.00
_cell.angle_beta   90.00
_cell.angle_gamma   120.00
#
_symmetry.space_group_name_H-M   'P 63'
#
loop_
_entity.id
_entity.type
_entity.pdbx_description
1 polymer 'Transcription factor SOX-2'
2 polymer 'POU domain, class 5, transcription factor 1'
3 polymer UTF1_r
4 polymer UTF1_f
#
loop_
_entity_poly.entity_id
_entity_poly.type
_entity_poly.pdbx_seq_one_letter_code
_entity_poly.pdbx_strand_id
1 'polypeptide(L)'
;GAMDRVKRPMNAFMVWSRGQRRKMAQENPKMHNSEISKRLGAEWKLLSETEKRPFIDEAKRLRALHMKEHPDYKYRPRRK
TKT
;
E
2 'polypeptide(L)'
;GAMDMKALQKELEQFAKLLKQKRITLGYTQADVGLTLGVLFGKVFSQTTISRFEALQLSLKNMSKLRPLLEKWVEEADNN
ENLQEISKSETLVQARKRKRTSIENRVRWSLETMFLKSPKPSLQQITHIANQLGLEKDVVRVWFSNRRQKGKRSS
;
A
3 'polydeoxyribonucleotide'
;(DA)(DC)(DT)(DC)(DA)(DT)(DT)(DG)(DT)(DT)(DA)(DT)(DG)(DC)(DT)(DA)(DG)(DT)(DG)(DA)
(DA)(DG)
;
C
4 'polydeoxyribonucleotide'
;(DT)(DC)(DT)(DT)(DC)(DA)(DC)(DT)(DA)(DG)(DC)(DA)(DT)(DA)(DA)(DC)(DA)(DA)(DT)(DG)
(DA)(DG)
;
D
#
# COMPACT_ATOMS: atom_id res chain seq x y z
N ARG A 5 17.16 -4.07 -14.75
CA ARG A 5 17.04 -4.01 -13.26
C ARG A 5 15.73 -3.33 -12.90
N VAL A 6 15.08 -3.88 -11.86
CA VAL A 6 13.76 -3.45 -11.40
C VAL A 6 13.94 -2.26 -10.46
N LYS A 7 13.22 -1.18 -10.79
CA LYS A 7 13.18 0.06 -10.03
C LYS A 7 11.96 0.01 -9.09
N ARG A 8 12.10 0.61 -7.89
CA ARG A 8 11.12 0.62 -6.79
C ARG A 8 9.82 1.33 -7.19
N PRO A 9 8.59 0.86 -6.79
CA PRO A 9 7.33 1.42 -7.31
C PRO A 9 7.06 2.79 -6.71
N MET A 10 6.36 3.62 -7.49
CA MET A 10 6.19 5.01 -7.12
C MET A 10 4.95 5.21 -6.25
N ASN A 11 5.10 6.06 -5.21
CA ASN A 11 4.01 6.39 -4.29
C ASN A 11 3.01 7.36 -4.93
N ALA A 12 2.03 7.87 -4.15
CA ALA A 12 0.94 8.71 -4.69
C ALA A 12 1.44 10.08 -5.11
N PHE A 13 2.35 10.64 -4.27
CA PHE A 13 3.02 11.89 -4.58
C PHE A 13 3.70 11.77 -5.94
N MET A 14 4.63 10.80 -6.08
CA MET A 14 5.35 10.57 -7.34
C MET A 14 4.46 10.51 -8.58
N VAL A 15 3.26 9.93 -8.46
CA VAL A 15 2.30 9.80 -9.56
C VAL A 15 1.80 11.17 -10.00
N TRP A 16 1.39 11.94 -8.99
CA TRP A 16 0.79 13.22 -9.23
C TRP A 16 1.85 14.23 -9.72
N SER A 17 3.02 14.10 -9.05
CA SER A 17 4.17 14.95 -9.35
C SER A 17 4.64 14.72 -10.78
N ARG A 18 4.62 13.48 -11.24
CA ARG A 18 4.96 13.07 -12.59
C ARG A 18 4.00 13.72 -13.58
N GLY A 19 2.70 13.69 -13.26
CA GLY A 19 1.67 14.31 -14.08
C GLY A 19 1.94 15.82 -14.22
N GLN A 20 2.28 16.46 -13.07
CA GLN A 20 2.27 17.89 -13.04
C GLN A 20 3.50 18.45 -13.74
N ARG A 21 4.64 17.84 -13.54
CA ARG A 21 5.90 18.46 -13.83
C ARG A 21 6.14 18.44 -15.32
N ARG A 22 5.52 17.51 -16.02
CA ARG A 22 5.51 17.48 -17.48
C ARG A 22 4.78 18.69 -18.06
N LYS A 23 3.53 18.96 -17.59
CA LYS A 23 2.77 20.11 -18.07
C LYS A 23 3.53 21.38 -17.69
N MET A 24 4.12 21.41 -16.49
CA MET A 24 4.80 22.61 -16.00
C MET A 24 6.06 22.99 -16.81
N ALA A 25 6.74 21.98 -17.32
CA ALA A 25 7.88 22.15 -18.17
C ALA A 25 7.55 22.49 -19.59
N GLN A 26 6.45 21.91 -20.14
CA GLN A 26 5.90 22.31 -21.43
C GLN A 26 5.54 23.82 -21.42
N GLU A 27 4.93 24.21 -20.29
CA GLU A 27 4.33 25.52 -20.08
C GLU A 27 5.42 26.55 -20.04
N ASN A 28 6.34 26.37 -19.11
CA ASN A 28 7.41 27.28 -18.89
C ASN A 28 8.71 26.51 -18.85
N PRO A 29 9.45 26.36 -20.00
CA PRO A 29 10.79 25.78 -20.00
C PRO A 29 11.77 26.73 -19.31
N LYS A 30 13.01 26.28 -19.20
CA LYS A 30 14.15 26.92 -18.54
C LYS A 30 13.85 27.23 -17.06
N MET A 31 12.84 26.58 -16.51
CA MET A 31 12.59 26.42 -15.10
C MET A 31 13.21 25.08 -14.68
N HIS A 32 14.14 25.12 -13.72
CA HIS A 32 14.77 23.89 -13.22
C HIS A 32 13.76 23.14 -12.38
N ASN A 33 13.90 21.82 -12.41
CA ASN A 33 13.13 20.88 -11.63
C ASN A 33 13.28 21.14 -10.14
N SER A 34 14.21 21.96 -9.63
CA SER A 34 14.33 22.18 -8.20
C SER A 34 13.21 23.08 -7.66
N GLU A 35 13.02 24.19 -8.42
CA GLU A 35 11.92 25.11 -8.19
C GLU A 35 10.59 24.38 -8.38
N ILE A 36 10.51 23.57 -9.45
CA ILE A 36 9.37 22.73 -9.82
C ILE A 36 8.90 21.82 -8.67
N SER A 37 9.85 21.11 -8.09
CA SER A 37 9.61 20.10 -7.06
C SER A 37 9.24 20.75 -5.75
N LYS A 38 9.86 21.87 -5.39
CA LYS A 38 9.49 22.65 -4.21
C LYS A 38 8.04 23.08 -4.35
N ARG A 39 7.72 23.62 -5.55
CA ARG A 39 6.39 24.08 -5.91
C ARG A 39 5.35 22.98 -5.77
N LEU A 40 5.69 21.77 -6.19
CA LEU A 40 4.72 20.69 -6.25
C LEU A 40 4.50 20.08 -4.89
N GLY A 41 5.56 19.97 -4.07
CA GLY A 41 5.36 19.52 -2.67
C GLY A 41 4.46 20.51 -1.92
N ALA A 42 4.73 21.80 -2.18
CA ALA A 42 3.95 22.90 -1.62
C ALA A 42 2.47 22.74 -1.99
N GLU A 43 2.26 22.38 -3.29
CA GLU A 43 0.87 22.30 -3.80
C GLU A 43 0.07 21.10 -3.25
N TRP A 44 0.76 19.95 -3.24
CA TRP A 44 0.25 18.66 -2.82
C TRP A 44 -0.17 18.73 -1.37
N LYS A 45 0.60 19.41 -0.51
CA LYS A 45 0.28 19.58 0.90
C LYS A 45 -1.09 20.23 1.07
N LEU A 46 -1.54 21.02 0.06
CA LEU A 46 -2.72 21.84 0.13
C LEU A 46 -3.95 21.14 -0.41
N LEU A 47 -3.84 19.95 -0.99
CA LEU A 47 -4.98 19.22 -1.49
C LEU A 47 -5.71 18.47 -0.38
N SER A 48 -7.04 18.35 -0.56
CA SER A 48 -7.91 17.60 0.35
C SER A 48 -7.82 16.09 0.04
N GLU A 49 -8.34 15.25 0.97
CA GLU A 49 -8.46 13.78 0.79
C GLU A 49 -9.21 13.43 -0.50
N THR A 50 -10.24 14.20 -0.78
CA THR A 50 -11.12 14.03 -1.93
C THR A 50 -10.28 14.15 -3.18
N GLU A 51 -9.42 15.17 -3.18
CA GLU A 51 -8.58 15.52 -4.31
C GLU A 51 -7.46 14.48 -4.53
N LYS A 52 -6.98 13.93 -3.41
CA LYS A 52 -5.86 13.03 -3.40
C LYS A 52 -6.26 11.64 -3.86
N ARG A 53 -7.56 11.30 -3.69
CA ARG A 53 -8.11 9.95 -3.71
C ARG A 53 -7.71 9.21 -4.99
N PRO A 54 -7.87 9.78 -6.22
CA PRO A 54 -7.57 9.02 -7.42
C PRO A 54 -6.08 8.70 -7.54
N PHE A 55 -5.19 9.59 -7.14
CA PHE A 55 -3.76 9.33 -7.17
C PHE A 55 -3.34 8.27 -6.14
N ILE A 56 -4.01 8.28 -4.98
CA ILE A 56 -3.82 7.25 -3.99
C ILE A 56 -4.22 5.88 -4.55
N ASP A 57 -5.38 5.80 -5.22
CA ASP A 57 -5.90 4.56 -5.80
C ASP A 57 -5.02 4.07 -6.96
N GLU A 58 -4.55 5.00 -7.79
CA GLU A 58 -3.62 4.77 -8.87
C GLU A 58 -2.31 4.17 -8.35
N ALA A 59 -1.72 4.73 -7.29
CA ALA A 59 -0.46 4.24 -6.74
C ALA A 59 -0.62 2.86 -6.09
N LYS A 60 -1.78 2.61 -5.44
CA LYS A 60 -2.16 1.30 -4.97
C LYS A 60 -2.14 0.27 -6.12
N ARG A 61 -2.80 0.62 -7.24
CA ARG A 61 -2.90 -0.22 -8.44
C ARG A 61 -1.48 -0.51 -8.99
N LEU A 62 -0.63 0.51 -9.02
CA LEU A 62 0.73 0.38 -9.48
C LEU A 62 1.56 -0.59 -8.64
N ARG A 63 1.50 -0.48 -7.31
CA ARG A 63 2.17 -1.37 -6.37
C ARG A 63 1.69 -2.81 -6.57
N ALA A 64 0.36 -2.97 -6.77
CA ALA A 64 -0.27 -4.26 -7.00
C ALA A 64 0.30 -4.93 -8.27
N LEU A 65 0.32 -4.16 -9.35
CA LEU A 65 0.76 -4.63 -10.62
C LEU A 65 2.26 -4.93 -10.61
N HIS A 66 3.06 -4.15 -9.89
CA HIS A 66 4.49 -4.31 -9.73
C HIS A 66 4.80 -5.64 -9.06
N MET A 67 4.12 -5.93 -7.94
CA MET A 67 4.29 -7.17 -7.23
C MET A 67 3.85 -8.34 -8.12
N LYS A 68 2.70 -8.19 -8.82
CA LYS A 68 2.13 -9.19 -9.72
C LYS A 68 3.16 -9.56 -10.80
N GLU A 69 3.81 -8.52 -11.37
CA GLU A 69 4.77 -8.65 -12.45
C GLU A 69 6.09 -9.21 -11.94
N HIS A 70 6.65 -8.65 -10.87
CA HIS A 70 7.93 -9.08 -10.34
C HIS A 70 7.67 -9.66 -8.95
N PRO A 71 7.18 -10.93 -8.81
CA PRO A 71 6.72 -11.49 -7.54
C PRO A 71 7.78 -11.52 -6.47
N ASP A 72 9.05 -11.64 -6.91
CA ASP A 72 10.21 -11.83 -6.06
C ASP A 72 11.07 -10.57 -6.00
N TYR A 73 10.43 -9.40 -6.12
CA TYR A 73 11.06 -8.12 -5.85
C TYR A 73 11.30 -7.94 -4.34
N LYS A 74 12.46 -7.36 -4.02
CA LYS A 74 12.71 -6.82 -2.69
C LYS A 74 13.55 -5.56 -2.81
N TYR A 75 13.05 -4.50 -2.15
CA TYR A 75 13.71 -3.22 -2.08
C TYR A 75 15.01 -3.40 -1.31
N ARG A 76 16.10 -3.11 -2.02
CA ARG A 76 17.47 -3.31 -1.58
C ARG A 76 18.27 -2.01 -1.77
N PRO A 77 18.26 -1.09 -0.78
CA PRO A 77 19.06 0.14 -0.84
C PRO A 77 20.56 -0.07 -0.65
N ARG A 78 21.32 1.04 -0.59
CA ARG A 78 22.76 1.03 -0.38
C ARG A 78 23.06 2.01 0.75
N ARG A 79 23.06 1.51 1.99
CA ARG A 79 23.08 2.35 3.18
C ARG A 79 24.45 2.99 3.34
N LYS A 80 24.45 4.25 3.80
CA LYS A 80 25.63 4.97 4.25
C LYS A 80 26.02 4.50 5.68
N MET B 3 6.25 -28.79 16.42
CA MET B 3 6.77 -30.18 16.40
C MET B 3 8.27 -30.18 16.10
N ASP B 4 8.67 -29.61 14.95
CA ASP B 4 10.06 -29.31 14.62
C ASP B 4 10.16 -27.93 13.98
N MET B 5 11.36 -27.35 14.12
CA MET B 5 11.67 -25.98 13.71
C MET B 5 11.71 -25.84 12.19
N LYS B 6 12.05 -26.94 11.48
CA LYS B 6 12.21 -26.99 10.03
C LYS B 6 10.85 -26.76 9.34
N ALA B 7 9.87 -27.62 9.67
CA ALA B 7 8.51 -27.57 9.13
C ALA B 7 7.80 -26.26 9.50
N LEU B 8 7.98 -25.80 10.76
CA LEU B 8 7.39 -24.57 11.29
C LEU B 8 7.90 -23.34 10.54
N GLN B 9 9.23 -23.25 10.37
CA GLN B 9 9.87 -22.15 9.64
C GLN B 9 9.44 -22.14 8.17
N LYS B 10 9.29 -23.33 7.56
CA LYS B 10 8.82 -23.50 6.19
C LYS B 10 7.41 -22.92 6.05
N GLU B 11 6.49 -23.34 6.94
CA GLU B 11 5.10 -22.89 6.97
C GLU B 11 5.03 -21.38 7.20
N LEU B 12 5.89 -20.89 8.11
CA LEU B 12 5.93 -19.47 8.46
C LEU B 12 6.43 -18.61 7.30
N GLU B 13 7.46 -19.08 6.58
CA GLU B 13 8.06 -18.30 5.51
C GLU B 13 7.13 -18.20 4.30
N GLN B 14 6.37 -19.27 4.09
CA GLN B 14 5.36 -19.28 3.06
C GLN B 14 4.20 -18.33 3.44
N PHE B 15 3.80 -18.36 4.74
CA PHE B 15 2.78 -17.48 5.30
C PHE B 15 3.16 -16.00 5.17
N ALA B 16 4.45 -15.67 5.45
CA ALA B 16 4.94 -14.30 5.40
C ALA B 16 4.77 -13.72 3.99
N LYS B 17 5.09 -14.55 2.97
CA LYS B 17 4.94 -14.27 1.55
C LYS B 17 3.48 -13.98 1.22
N LEU B 18 2.57 -14.84 1.75
CA LEU B 18 1.14 -14.77 1.55
C LEU B 18 0.57 -13.50 2.19
N LEU B 19 1.14 -13.11 3.35
CA LEU B 19 0.72 -11.94 4.10
C LEU B 19 1.02 -10.66 3.31
N LYS B 20 2.27 -10.56 2.81
CA LYS B 20 2.74 -9.50 1.93
C LYS B 20 1.82 -9.39 0.71
N GLN B 21 1.61 -10.52 0.02
CA GLN B 21 0.75 -10.63 -1.15
C GLN B 21 -0.60 -9.94 -0.92
N LYS B 22 -1.25 -10.32 0.18
CA LYS B 22 -2.55 -9.81 0.57
C LYS B 22 -2.52 -8.33 0.93
N ARG B 23 -1.52 -7.90 1.72
CA ARG B 23 -1.42 -6.50 2.12
C ARG B 23 -1.22 -5.56 0.92
N ILE B 24 -0.55 -6.06 -0.13
CA ILE B 24 -0.32 -5.28 -1.34
C ILE B 24 -1.62 -5.19 -2.13
N THR B 25 -2.27 -6.35 -2.35
CA THR B 25 -3.51 -6.43 -3.12
C THR B 25 -4.64 -5.68 -2.43
N LEU B 26 -4.50 -5.39 -1.12
CA LEU B 26 -5.50 -4.63 -0.38
C LEU B 26 -5.08 -3.16 -0.21
N GLY B 27 -3.83 -2.82 -0.54
CA GLY B 27 -3.35 -1.44 -0.61
C GLY B 27 -2.99 -0.84 0.74
N TYR B 28 -2.64 -1.68 1.72
CA TYR B 28 -2.16 -1.22 3.00
C TYR B 28 -0.65 -1.06 2.92
N THR B 29 -0.15 0.07 3.42
CA THR B 29 1.28 0.21 3.71
C THR B 29 1.62 -0.57 4.98
N GLN B 30 2.93 -0.81 5.20
CA GLN B 30 3.43 -1.54 6.35
C GLN B 30 2.98 -0.86 7.63
N ALA B 31 3.14 0.48 7.64
CA ALA B 31 2.70 1.36 8.72
C ALA B 31 1.20 1.20 9.00
N ASP B 32 0.40 1.06 7.91
CA ASP B 32 -1.05 0.90 7.94
C ASP B 32 -1.44 -0.38 8.67
N VAL B 33 -0.73 -1.48 8.37
CA VAL B 33 -0.98 -2.79 8.98
C VAL B 33 -0.73 -2.72 10.49
N GLY B 34 0.38 -2.06 10.87
CA GLY B 34 0.76 -1.77 12.24
C GLY B 34 -0.32 -1.01 13.00
N LEU B 35 -0.82 0.05 12.36
CA LEU B 35 -1.83 0.95 12.90
C LEU B 35 -3.16 0.24 13.14
N THR B 36 -3.58 -0.58 12.17
CA THR B 36 -4.86 -1.29 12.20
C THR B 36 -4.82 -2.44 13.20
N LEU B 37 -3.69 -3.16 13.27
CA LEU B 37 -3.46 -4.18 14.28
C LEU B 37 -3.55 -3.60 15.68
N GLY B 38 -2.92 -2.42 15.85
CA GLY B 38 -2.98 -1.54 17.00
C GLY B 38 -4.41 -1.21 17.41
N VAL B 39 -5.25 -0.93 16.41
CA VAL B 39 -6.59 -0.45 16.68
C VAL B 39 -7.52 -1.60 17.09
N LEU B 40 -7.36 -2.77 16.46
CA LEU B 40 -8.33 -3.84 16.67
C LEU B 40 -7.92 -4.86 17.73
N PHE B 41 -6.64 -4.82 18.17
CA PHE B 41 -6.17 -5.60 19.31
C PHE B 41 -5.59 -4.77 20.46
N GLY B 42 -5.66 -3.42 20.35
CA GLY B 42 -5.29 -2.50 21.41
C GLY B 42 -3.80 -2.45 21.76
N LYS B 43 -2.95 -3.16 20.99
CA LYS B 43 -1.49 -3.19 21.14
C LYS B 43 -0.87 -2.63 19.87
N VAL B 44 -0.15 -1.50 20.03
CA VAL B 44 0.61 -0.81 18.99
C VAL B 44 1.66 -1.77 18.39
N PHE B 45 1.79 -1.68 17.05
CA PHE B 45 2.84 -2.33 16.28
C PHE B 45 3.45 -1.34 15.30
N SER B 46 4.79 -1.19 15.37
CA SER B 46 5.57 -0.29 14.54
C SER B 46 5.70 -0.88 13.14
N GLN B 47 5.91 0.03 12.18
CA GLN B 47 6.31 -0.25 10.80
C GLN B 47 7.52 -1.20 10.78
N THR B 48 8.47 -0.93 11.69
CA THR B 48 9.73 -1.64 11.84
C THR B 48 9.45 -3.14 12.01
N THR B 49 8.55 -3.48 12.93
CA THR B 49 8.31 -4.88 13.30
C THR B 49 7.62 -5.60 12.16
N ILE B 50 6.83 -4.85 11.39
CA ILE B 50 6.11 -5.40 10.26
C ILE B 50 7.10 -5.73 9.15
N SER B 51 8.03 -4.79 8.89
CA SER B 51 9.13 -4.98 7.95
C SER B 51 9.91 -6.24 8.29
N ARG B 52 10.23 -6.39 9.59
CA ARG B 52 11.04 -7.47 10.15
C ARG B 52 10.30 -8.79 9.93
N PHE B 53 8.96 -8.73 10.08
CA PHE B 53 8.10 -9.89 9.92
C PHE B 53 8.16 -10.36 8.48
N GLU B 54 7.92 -9.42 7.55
CA GLU B 54 7.89 -9.70 6.12
C GLU B 54 9.26 -10.12 5.59
N ALA B 55 10.33 -9.76 6.33
CA ALA B 55 11.69 -10.16 6.03
C ALA B 55 12.15 -11.42 6.78
N LEU B 56 11.24 -12.13 7.49
CA LEU B 56 11.48 -13.29 8.36
C LEU B 56 12.72 -13.15 9.26
N GLN B 57 12.85 -11.93 9.79
CA GLN B 57 13.94 -11.40 10.58
C GLN B 57 13.49 -11.21 12.04
N LEU B 58 12.55 -12.08 12.45
CA LEU B 58 12.00 -12.09 13.78
C LEU B 58 12.18 -13.47 14.39
N SER B 59 12.32 -13.47 15.73
CA SER B 59 12.27 -14.64 16.59
C SER B 59 11.08 -15.53 16.18
N LEU B 60 11.34 -16.83 15.92
CA LEU B 60 10.33 -17.84 15.63
C LEU B 60 9.13 -17.74 16.55
N LYS B 61 9.38 -17.50 17.87
CA LYS B 61 8.35 -17.24 18.85
C LYS B 61 7.52 -16.03 18.46
N ASN B 62 8.18 -14.92 18.06
CA ASN B 62 7.51 -13.67 17.68
C ASN B 62 6.72 -13.83 16.40
N MET B 63 7.28 -14.60 15.45
CA MET B 63 6.65 -14.93 14.17
C MET B 63 5.35 -15.67 14.43
N SER B 64 5.42 -16.66 15.31
CA SER B 64 4.25 -17.48 15.64
C SER B 64 3.31 -16.75 16.59
N LYS B 65 3.84 -15.85 17.44
CA LYS B 65 3.04 -14.98 18.30
C LYS B 65 2.16 -14.02 17.49
N LEU B 66 2.68 -13.55 16.34
CA LEU B 66 1.98 -12.56 15.53
C LEU B 66 1.07 -13.18 14.48
N ARG B 67 1.42 -14.39 14.03
CA ARG B 67 0.69 -15.10 12.99
C ARG B 67 -0.82 -15.13 13.26
N PRO B 68 -1.37 -15.51 14.46
CA PRO B 68 -2.82 -15.43 14.72
C PRO B 68 -3.38 -14.03 14.51
N LEU B 69 -2.60 -13.02 14.92
CA LEU B 69 -3.06 -11.64 14.92
C LEU B 69 -3.24 -11.17 13.49
N LEU B 70 -2.26 -11.51 12.65
CA LEU B 70 -2.28 -11.24 11.22
C LEU B 70 -3.38 -11.98 10.49
N GLU B 71 -3.65 -13.24 10.88
CA GLU B 71 -4.74 -14.04 10.31
C GLU B 71 -6.08 -13.33 10.53
N LYS B 72 -6.33 -12.85 11.77
CA LYS B 72 -7.58 -12.16 12.12
C LYS B 72 -7.66 -10.85 11.36
N TRP B 73 -6.51 -10.16 11.30
CA TRP B 73 -6.35 -8.92 10.57
C TRP B 73 -6.72 -9.08 9.11
N VAL B 74 -6.18 -10.12 8.45
CA VAL B 74 -6.37 -10.41 7.03
C VAL B 74 -7.84 -10.70 6.73
N GLU B 75 -8.49 -11.45 7.63
CA GLU B 75 -9.90 -11.77 7.61
C GLU B 75 -10.71 -10.49 7.61
N GLU B 76 -10.42 -9.57 8.57
CA GLU B 76 -11.14 -8.32 8.76
C GLU B 76 -10.94 -7.34 7.61
N ALA B 77 -9.70 -7.29 7.12
CA ALA B 77 -9.27 -6.49 5.98
C ALA B 77 -10.03 -6.89 4.72
N ASP B 78 -10.10 -8.21 4.48
CA ASP B 78 -10.71 -8.79 3.29
C ASP B 78 -12.23 -8.58 3.29
N ASN B 79 -12.84 -8.70 4.48
CA ASN B 79 -14.24 -8.39 4.74
C ASN B 79 -14.53 -6.95 4.35
N ASN B 80 -13.71 -6.01 4.84
CA ASN B 80 -13.90 -4.58 4.57
C ASN B 80 -13.78 -4.28 3.08
N GLU B 81 -12.81 -4.93 2.40
CA GLU B 81 -12.61 -4.82 0.96
C GLU B 81 -13.88 -5.21 0.19
N ASN B 82 -14.42 -6.41 0.47
CA ASN B 82 -15.60 -6.97 -0.16
C ASN B 82 -16.80 -6.04 0.05
N LEU B 83 -16.93 -5.52 1.29
CA LEU B 83 -17.99 -4.60 1.69
C LEU B 83 -17.96 -3.35 0.81
N GLN B 84 -16.77 -2.71 0.76
CA GLN B 84 -16.54 -1.47 0.03
C GLN B 84 -16.81 -1.68 -1.46
N GLU B 85 -16.33 -2.82 -2.00
CA GLU B 85 -16.43 -3.19 -3.42
C GLU B 85 -17.89 -3.26 -3.84
N ILE B 86 -18.68 -4.04 -3.07
CA ILE B 86 -20.13 -4.23 -3.25
C ILE B 86 -20.85 -2.88 -3.14
N SER B 87 -20.51 -2.10 -2.11
CA SER B 87 -21.11 -0.79 -1.84
C SER B 87 -20.90 0.16 -3.02
N LYS B 88 -19.66 0.19 -3.54
CA LYS B 88 -19.22 1.07 -4.61
C LYS B 88 -20.04 0.77 -5.88
N SER B 89 -20.16 -0.51 -6.26
CA SER B 89 -20.89 -0.95 -7.44
C SER B 89 -22.38 -0.65 -7.31
N GLU B 90 -22.89 -0.77 -6.06
CA GLU B 90 -24.25 -0.42 -5.69
C GLU B 90 -24.51 1.04 -5.99
N THR B 91 -23.67 1.95 -5.43
CA THR B 91 -23.68 3.39 -5.70
C THR B 91 -23.67 3.63 -7.21
N LEU B 92 -22.80 2.90 -7.95
CA LEU B 92 -22.68 2.99 -9.41
C LEU B 92 -24.04 2.78 -10.07
N VAL B 93 -24.61 1.55 -9.93
CA VAL B 93 -25.91 1.14 -10.48
C VAL B 93 -26.95 2.22 -10.17
N GLN B 94 -27.05 2.62 -8.89
CA GLN B 94 -27.92 3.66 -8.35
C GLN B 94 -27.83 4.95 -9.19
N ALA B 95 -26.69 5.67 -9.07
CA ALA B 95 -26.40 6.92 -9.76
C ALA B 95 -26.75 6.82 -11.26
N ARG B 96 -26.31 5.72 -11.91
CA ARG B 96 -26.54 5.39 -13.32
C ARG B 96 -28.03 5.47 -13.66
N LYS B 97 -28.83 4.54 -13.11
CA LYS B 97 -30.28 4.42 -13.27
C LYS B 97 -30.94 5.79 -13.08
N ARG B 98 -30.60 6.47 -11.96
CA ARG B 98 -31.13 7.75 -11.52
C ARG B 98 -30.99 8.80 -12.64
N LYS B 99 -29.72 9.12 -12.97
CA LYS B 99 -29.30 10.06 -14.01
C LYS B 99 -30.06 9.77 -15.32
N ARG B 100 -30.01 8.49 -15.75
CA ARG B 100 -30.67 7.92 -16.93
C ARG B 100 -32.13 8.39 -17.00
N THR B 101 -32.97 7.94 -16.06
CA THR B 101 -34.40 8.26 -16.01
C THR B 101 -34.66 9.77 -15.93
N SER B 102 -33.84 10.49 -15.14
CA SER B 102 -33.97 11.93 -14.88
C SER B 102 -33.65 12.74 -16.14
#